data_6S1J
#
_entry.id   6S1J
#
_cell.length_a   99.202
_cell.length_b   69.671
_cell.length_c   67.440
_cell.angle_alpha   90.000
_cell.angle_beta   117.540
_cell.angle_gamma   90.000
#
_symmetry.space_group_name_H-M   'C 1 2 1'
#
loop_
_entity.id
_entity.type
_entity.pdbx_description
1 polymer 'Dual specificity tyrosine-phosphorylation-regulated kinase 1A'
2 non-polymer 3-[2-[(3~{S})-3-fluoranylpyrrolidin-1-yl]pyrimidin-4-yl]pyrazolo[1,5-b]pyridazine
3 non-polymer 1,2-ETHANEDIOL
4 non-polymer 'DIMETHYL SULFOXIDE'
5 non-polymer 'SULFATE ION'
6 water water
#
_entity_poly.entity_id   1
_entity_poly.type   'polypeptide(L)'
_entity_poly.pdbx_seq_one_letter_code
;SMSSHKKERKVYNDGYDDDNYDYIVKNGEKWMDRYEIDSLIGKGSFGQVVKAYDRVEQEWVAIKIIKNKKAFLNQAQIEV
RLLELMNKHDTEMKYYIVHLKRHFMFRNHLCLVFEMLSYNLYDLLRNTNFRGVSLNLTRKFAQQMCTALLFLATPELSII
HCDLKPENILLCNPKRSAIKIVDFGSSCQLGQRIYQ(PTR)IQSRFYRSPEVLLGMPYDLAIDMWSLGCILVEMHTGEPL
FSGANEVDQMNKIVEVLGIPPAHILDQAPKARKFFEKLPDGTWNLKKTKDGKREYKPPGTRKLHNILGVETGGPGGRRAG
ESGHTVADYLKFKDLILRMLDYDPKTRIQPYYALQHSFFKKTADE
;
_entity_poly.pdbx_strand_id   A
#
loop_
_chem_comp.id
_chem_comp.type
_chem_comp.name
_chem_comp.formula
DMS non-polymer 'DIMETHYL SULFOXIDE' 'C2 H6 O S'
EDO non-polymer 1,2-ETHANEDIOL 'C2 H6 O2'
KRK non-polymer 3-[2-[(3~{S})-3-fluoranylpyrrolidin-1-yl]pyrimidin-4-yl]pyrazolo[1,5-b]pyridazine 'C14 H13 F N6'
SO4 non-polymer 'SULFATE ION' 'O4 S -2'
#
# COMPACT_ATOMS: atom_id res chain seq x y z
N LYS A 10 -5.64 -16.19 -34.93
CA LYS A 10 -4.46 -15.97 -34.07
C LYS A 10 -4.63 -16.78 -32.78
N VAL A 11 -3.61 -17.55 -32.41
CA VAL A 11 -3.69 -18.50 -31.30
C VAL A 11 -2.62 -18.14 -30.28
N TYR A 12 -3.01 -18.09 -29.01
CA TYR A 12 -2.11 -17.83 -27.90
C TYR A 12 -2.17 -18.98 -26.91
N ASN A 13 -1.02 -19.52 -26.53
CA ASN A 13 -0.95 -20.62 -25.55
C ASN A 13 -1.91 -21.74 -25.92
N ASP A 14 -1.83 -22.18 -27.17
CA ASP A 14 -2.64 -23.29 -27.66
C ASP A 14 -4.12 -23.03 -27.50
N GLY A 15 -4.52 -21.74 -27.55
CA GLY A 15 -5.90 -21.36 -27.45
C GLY A 15 -6.36 -21.03 -26.04
N TYR A 16 -5.50 -21.18 -25.05
CA TYR A 16 -5.91 -20.95 -23.67
C TYR A 16 -5.76 -19.50 -23.22
N ASP A 17 -4.99 -18.69 -23.92
CA ASP A 17 -4.71 -17.33 -23.50
C ASP A 17 -5.31 -16.34 -24.50
N ASP A 18 -5.55 -15.12 -24.01
CA ASP A 18 -5.92 -13.98 -24.84
C ASP A 18 -4.64 -13.24 -25.27
N ASP A 19 -4.81 -12.11 -25.97
CA ASP A 19 -3.65 -11.38 -26.47
C ASP A 19 -3.00 -10.48 -25.42
N ASN A 20 -3.46 -10.55 -24.16
CA ASN A 20 -2.87 -9.82 -23.04
C ASN A 20 -2.07 -10.74 -22.10
N TYR A 21 -1.78 -11.97 -22.54
CA TYR A 21 -1.05 -12.99 -21.78
C TYR A 21 -1.90 -13.59 -20.66
N ASP A 22 -3.18 -13.27 -20.61
CA ASP A 22 -4.08 -13.74 -19.58
C ASP A 22 -4.78 -15.05 -19.95
N TYR A 23 -5.02 -15.90 -18.96
CA TYR A 23 -5.81 -17.10 -19.20
C TYR A 23 -7.27 -16.74 -19.48
N ILE A 24 -7.87 -17.38 -20.49
CA ILE A 24 -9.25 -17.11 -20.80
C ILE A 24 -10.12 -17.88 -19.81
N VAL A 25 -10.69 -17.16 -18.84
CA VAL A 25 -11.47 -17.81 -17.78
C VAL A 25 -12.75 -18.39 -18.37
N LYS A 26 -13.05 -19.62 -17.97
CA LYS A 26 -14.27 -20.33 -18.34
C LYS A 26 -14.99 -20.77 -17.08
N ASN A 27 -16.27 -20.38 -16.97
CA ASN A 27 -17.05 -20.83 -15.83
C ASN A 27 -17.23 -22.34 -15.84
N GLY A 28 -17.07 -22.96 -14.67
CA GLY A 28 -17.31 -24.38 -14.52
C GLY A 28 -16.14 -25.25 -14.85
N GLU A 29 -15.03 -24.66 -15.30
CA GLU A 29 -13.89 -25.48 -15.67
C GLU A 29 -13.33 -26.09 -14.41
N LYS A 30 -12.89 -27.33 -14.52
CA LYS A 30 -12.23 -28.03 -13.44
C LYS A 30 -10.74 -28.11 -13.73
N TRP A 31 -9.95 -27.77 -12.74
CA TRP A 31 -8.51 -27.77 -12.86
C TRP A 31 -7.93 -28.81 -11.91
N MET A 32 -7.02 -29.64 -12.43
N MET A 32 -7.25 -29.81 -12.49
CA MET A 32 -6.20 -30.53 -11.61
CA MET A 32 -6.48 -30.76 -11.69
C MET A 32 -7.06 -31.31 -10.64
C MET A 32 -7.35 -31.65 -10.81
N ASP A 33 -8.23 -31.69 -11.13
N ASP A 33 -8.58 -31.94 -11.24
CA ASP A 33 -9.13 -32.57 -10.41
CA ASP A 33 -9.52 -32.65 -10.40
C ASP A 33 -9.39 -32.04 -9.00
C ASP A 33 -9.57 -32.05 -8.99
N ARG A 34 -9.48 -30.72 -8.89
CA ARG A 34 -9.49 -30.09 -7.58
C ARG A 34 -10.28 -28.78 -7.54
N TYR A 35 -10.05 -27.85 -8.45
CA TYR A 35 -10.65 -26.55 -8.36
C TYR A 35 -11.71 -26.41 -9.43
N GLU A 36 -12.88 -25.91 -9.07
CA GLU A 36 -13.92 -25.58 -10.04
C GLU A 36 -13.98 -24.06 -10.12
N ILE A 37 -13.63 -23.54 -11.28
CA ILE A 37 -13.60 -22.10 -11.49
C ILE A 37 -15.03 -21.56 -11.62
N ASP A 38 -15.31 -20.52 -10.86
CA ASP A 38 -16.62 -19.89 -10.92
C ASP A 38 -16.57 -18.68 -11.85
N SER A 39 -15.82 -17.65 -11.49
CA SER A 39 -15.94 -16.36 -12.18
C SER A 39 -14.72 -15.51 -11.90
N LEU A 40 -14.49 -14.55 -12.79
CA LEU A 40 -13.49 -13.53 -12.62
C LEU A 40 -14.02 -12.51 -11.59
N ILE A 41 -13.20 -12.19 -10.59
CA ILE A 41 -13.58 -11.26 -9.54
C ILE A 41 -12.64 -10.09 -9.39
N GLY A 42 -11.52 -10.09 -10.10
CA GLY A 42 -10.57 -9.01 -10.02
C GLY A 42 -9.51 -9.17 -11.08
N LYS A 43 -8.77 -8.10 -11.32
CA LYS A 43 -7.75 -8.12 -12.35
C LYS A 43 -6.77 -7.02 -12.05
N GLY A 44 -5.59 -7.15 -12.63
CA GLY A 44 -4.55 -6.16 -12.45
C GLY A 44 -3.43 -6.42 -13.42
N SER A 45 -2.36 -5.64 -13.27
N SER A 45 -2.36 -5.65 -13.27
CA SER A 45 -1.23 -5.79 -14.20
CA SER A 45 -1.23 -5.80 -14.17
C SER A 45 -0.66 -7.21 -14.16
C SER A 45 -0.66 -7.22 -14.16
N PHE A 46 -0.77 -7.90 -13.02
CA PHE A 46 -0.21 -9.22 -12.86
C PHE A 46 -0.96 -10.29 -13.60
N GLY A 47 -2.22 -10.07 -13.95
CA GLY A 47 -3.12 -11.15 -14.34
C GLY A 47 -4.51 -10.97 -13.79
N GLN A 48 -5.09 -12.04 -13.28
CA GLN A 48 -6.50 -12.12 -12.94
C GLN A 48 -6.65 -12.77 -11.58
N VAL A 49 -7.77 -12.48 -10.92
CA VAL A 49 -8.18 -13.17 -9.69
C VAL A 49 -9.51 -13.80 -9.97
N VAL A 50 -9.61 -15.11 -9.77
CA VAL A 50 -10.85 -15.83 -9.94
C VAL A 50 -11.35 -16.37 -8.60
N LYS A 51 -12.66 -16.45 -8.48
CA LYS A 51 -13.34 -17.21 -7.43
C LYS A 51 -13.44 -18.65 -7.90
N ALA A 52 -13.02 -19.56 -7.03
CA ALA A 52 -12.99 -21.00 -7.33
C ALA A 52 -13.34 -21.77 -6.09
N TYR A 53 -13.93 -22.94 -6.30
CA TYR A 53 -14.18 -23.85 -5.20
C TYR A 53 -13.09 -24.90 -5.13
N ASP A 54 -12.40 -24.93 -4.00
CA ASP A 54 -11.44 -25.99 -3.73
C ASP A 54 -12.20 -27.20 -3.21
N ARG A 55 -12.34 -28.21 -4.08
CA ARG A 55 -13.14 -29.36 -3.70
C ARG A 55 -12.43 -30.25 -2.68
N VAL A 56 -11.11 -30.19 -2.59
CA VAL A 56 -10.37 -31.02 -1.65
C VAL A 56 -10.52 -30.46 -0.24
N GLU A 57 -10.34 -29.17 -0.06
CA GLU A 57 -10.52 -28.53 1.25
C GLU A 57 -11.94 -28.04 1.50
N GLN A 58 -12.81 -28.15 0.51
CA GLN A 58 -14.21 -27.82 0.66
C GLN A 58 -14.39 -26.37 1.09
N GLU A 59 -13.85 -25.48 0.29
CA GLU A 59 -13.97 -24.06 0.61
C GLU A 59 -13.78 -23.25 -0.64
N TRP A 60 -14.38 -22.06 -0.63
CA TRP A 60 -14.10 -21.06 -1.65
C TRP A 60 -12.70 -20.48 -1.45
N VAL A 61 -12.04 -20.25 -2.58
CA VAL A 61 -10.74 -19.62 -2.63
C VAL A 61 -10.70 -18.57 -3.72
N ALA A 62 -9.71 -17.70 -3.64
CA ALA A 62 -9.36 -16.80 -4.70
C ALA A 62 -8.07 -17.32 -5.31
N ILE A 63 -8.05 -17.48 -6.61
CA ILE A 63 -6.84 -17.90 -7.33
C ILE A 63 -6.37 -16.72 -8.16
N LYS A 64 -5.12 -16.29 -7.88
CA LYS A 64 -4.45 -15.25 -8.64
C LYS A 64 -3.72 -15.93 -9.77
N ILE A 65 -4.19 -15.72 -11.01
CA ILE A 65 -3.67 -16.39 -12.19
C ILE A 65 -2.72 -15.42 -12.85
N ILE A 66 -1.43 -15.65 -12.72
CA ILE A 66 -0.43 -14.75 -13.24
C ILE A 66 -0.37 -14.88 -14.75
N LYS A 67 -0.10 -13.78 -15.42
CA LYS A 67 0.09 -13.76 -16.86
C LYS A 67 1.18 -14.74 -17.26
N ASN A 68 0.98 -15.32 -18.45
CA ASN A 68 1.93 -16.25 -19.04
C ASN A 68 2.93 -15.42 -19.82
N LYS A 69 3.90 -14.88 -19.08
CA LYS A 69 4.92 -14.00 -19.62
C LYS A 69 6.03 -13.95 -18.57
N LYS A 70 7.28 -14.13 -18.99
CA LYS A 70 8.36 -14.35 -18.02
C LYS A 70 8.49 -13.24 -16.98
N ALA A 71 8.40 -11.98 -17.39
CA ALA A 71 8.57 -10.92 -16.38
C ALA A 71 7.50 -11.00 -15.29
N PHE A 72 6.26 -11.32 -15.66
CA PHE A 72 5.19 -11.45 -14.69
C PHE A 72 5.34 -12.69 -13.84
N LEU A 73 5.73 -13.81 -14.47
CA LEU A 73 6.02 -15.03 -13.75
C LEU A 73 7.09 -14.79 -12.67
N ASN A 74 8.17 -14.13 -13.04
CA ASN A 74 9.25 -13.99 -12.10
C ASN A 74 8.90 -13.02 -10.97
N GLN A 75 8.16 -11.96 -11.25
CA GLN A 75 7.60 -11.10 -10.21
C GLN A 75 6.78 -11.92 -9.21
N ALA A 76 5.95 -12.82 -9.72
CA ALA A 76 5.14 -13.67 -8.86
C ALA A 76 5.95 -14.69 -8.09
N GLN A 77 7.04 -15.17 -8.66
CA GLN A 77 7.88 -16.11 -7.92
C GLN A 77 8.50 -15.42 -6.72
N ILE A 78 8.92 -14.15 -6.87
CA ILE A 78 9.39 -13.38 -5.73
C ILE A 78 8.30 -13.27 -4.67
N GLU A 79 7.09 -12.93 -5.09
CA GLU A 79 5.94 -12.86 -4.21
C GLU A 79 5.72 -14.17 -3.46
N VAL A 80 5.77 -15.32 -4.19
CA VAL A 80 5.53 -16.60 -3.53
C VAL A 80 6.57 -16.85 -2.44
N ARG A 81 7.83 -16.55 -2.72
CA ARG A 81 8.88 -16.79 -1.75
C ARG A 81 8.63 -15.94 -0.51
N LEU A 82 8.30 -14.67 -0.70
CA LEU A 82 8.07 -13.81 0.45
C LEU A 82 6.83 -14.23 1.25
N LEU A 83 5.73 -14.59 0.57
CA LEU A 83 4.56 -15.08 1.28
C LEU A 83 4.86 -16.37 2.01
N GLU A 84 5.63 -17.26 1.41
CA GLU A 84 5.99 -18.48 2.13
C GLU A 84 6.82 -18.18 3.36
N LEU A 85 7.77 -17.24 3.26
CA LEU A 85 8.54 -16.84 4.43
C LEU A 85 7.65 -16.27 5.53
N MET A 86 6.72 -15.41 5.19
CA MET A 86 5.83 -14.81 6.17
C MET A 86 4.95 -15.89 6.77
N ASN A 87 4.52 -16.85 5.94
CA ASN A 87 3.66 -17.92 6.43
C ASN A 87 4.32 -18.66 7.56
N LYS A 88 5.53 -19.10 7.33
CA LYS A 88 6.14 -19.94 8.32
C LYS A 88 6.52 -19.15 9.57
N HIS A 89 6.43 -17.82 9.53
CA HIS A 89 6.69 -17.00 10.71
C HIS A 89 5.44 -16.40 11.36
N ASP A 90 4.21 -16.75 10.92
CA ASP A 90 2.91 -16.22 11.44
C ASP A 90 1.80 -17.25 11.23
N THR A 91 1.94 -18.42 11.86
CA THR A 91 1.01 -19.51 11.61
C THR A 91 -0.40 -19.23 12.14
N GLU A 92 -0.55 -18.30 13.10
CA GLU A 92 -1.87 -17.96 13.64
C GLU A 92 -2.61 -16.92 12.80
N MET A 93 -1.95 -16.31 11.81
CA MET A 93 -2.59 -15.33 10.91
C MET A 93 -3.15 -14.14 11.68
N LYS A 94 -2.32 -13.59 12.57
CA LYS A 94 -2.70 -12.48 13.45
C LYS A 94 -2.05 -11.16 13.06
N TYR A 95 -1.36 -11.12 11.92
CA TYR A 95 -0.55 -9.96 11.56
C TYR A 95 -0.97 -9.29 10.26
N TYR A 96 -2.14 -9.62 9.72
CA TYR A 96 -2.79 -8.77 8.74
C TYR A 96 -2.15 -8.83 7.35
N ILE A 97 -1.49 -9.95 7.03
CA ILE A 97 -0.95 -10.22 5.70
C ILE A 97 -1.81 -11.32 5.10
N VAL A 98 -2.12 -11.20 3.81
CA VAL A 98 -2.89 -12.22 3.12
C VAL A 98 -2.19 -13.57 3.20
N HIS A 99 -3.02 -14.62 3.37
CA HIS A 99 -2.53 -15.99 3.52
C HIS A 99 -2.52 -16.76 2.20
N LEU A 100 -1.31 -17.09 1.74
CA LEU A 100 -1.11 -17.93 0.55
C LEU A 100 -1.23 -19.38 0.98
N LYS A 101 -2.23 -20.07 0.46
CA LYS A 101 -2.45 -21.47 0.82
C LYS A 101 -1.52 -22.42 0.08
N ARG A 102 -1.30 -22.18 -1.21
CA ARG A 102 -0.45 -23.03 -2.03
C ARG A 102 -0.35 -22.36 -3.38
N HIS A 103 0.53 -22.89 -4.22
CA HIS A 103 0.69 -22.41 -5.57
C HIS A 103 0.90 -23.59 -6.48
N PHE A 104 0.67 -23.39 -7.77
CA PHE A 104 0.88 -24.44 -8.77
C PHE A 104 1.03 -23.78 -10.12
N MET A 105 1.57 -24.54 -11.09
CA MET A 105 1.65 -24.10 -12.47
C MET A 105 0.55 -24.83 -13.21
N PHE A 106 -0.25 -24.09 -13.98
CA PHE A 106 -1.38 -24.65 -14.70
C PHE A 106 -1.45 -24.02 -16.08
N ARG A 107 -1.31 -24.83 -17.12
CA ARG A 107 -1.40 -24.33 -18.50
C ARG A 107 -0.51 -23.11 -18.73
N ASN A 108 0.71 -23.17 -18.21
CA ASN A 108 1.71 -22.13 -18.40
C ASN A 108 1.42 -20.86 -17.61
N HIS A 109 0.56 -20.93 -16.60
CA HIS A 109 0.34 -19.82 -15.71
C HIS A 109 0.68 -20.23 -14.29
N LEU A 110 1.46 -19.42 -13.60
CA LEU A 110 1.64 -19.62 -12.17
C LEU A 110 0.37 -19.16 -11.46
N CYS A 111 -0.15 -19.97 -10.57
CA CYS A 111 -1.40 -19.72 -9.88
C CYS A 111 -1.18 -19.75 -8.38
N LEU A 112 -1.58 -18.69 -7.68
CA LEU A 112 -1.45 -18.56 -6.25
C LEU A 112 -2.82 -18.66 -5.62
N VAL A 113 -3.00 -19.55 -4.67
CA VAL A 113 -4.31 -19.80 -4.07
C VAL A 113 -4.35 -19.10 -2.73
N PHE A 114 -5.34 -18.24 -2.56
CA PHE A 114 -5.47 -17.49 -1.34
C PHE A 114 -6.81 -17.72 -0.71
N GLU A 115 -6.87 -17.37 0.58
CA GLU A 115 -8.14 -17.12 1.20
C GLU A 115 -8.90 -16.02 0.42
N MET A 116 -10.19 -16.17 0.33
N MET A 116 -10.20 -16.13 0.34
CA MET A 116 -11.05 -15.17 -0.29
CA MET A 116 -11.01 -15.17 -0.43
C MET A 116 -11.06 -13.90 0.57
C MET A 116 -11.35 -13.92 0.38
N LEU A 117 -10.89 -12.76 -0.09
CA LEU A 117 -11.10 -11.45 0.55
C LEU A 117 -12.22 -10.70 -0.14
N SER A 118 -12.40 -9.45 0.24
CA SER A 118 -13.44 -8.57 -0.25
C SER A 118 -12.83 -7.36 -0.95
N TYR A 119 -13.53 -6.23 -0.88
CA TYR A 119 -13.17 -4.99 -1.56
C TYR A 119 -11.85 -4.41 -1.05
N ASN A 120 -11.13 -3.72 -1.94
CA ASN A 120 -9.92 -3.00 -1.50
C ASN A 120 -10.30 -1.63 -0.99
N LEU A 121 -9.32 -0.95 -0.39
N LEU A 121 -9.31 -0.96 -0.38
CA LEU A 121 -9.61 0.31 0.27
CA LEU A 121 -9.62 0.31 0.27
C LEU A 121 -9.82 1.46 -0.71
C LEU A 121 -9.86 1.44 -0.71
N TYR A 122 -9.36 1.35 -1.94
CA TYR A 122 -9.80 2.30 -2.96
C TYR A 122 -11.29 2.11 -3.27
N ASP A 123 -11.71 0.87 -3.45
CA ASP A 123 -13.13 0.57 -3.61
C ASP A 123 -13.95 1.12 -2.46
N LEU A 124 -13.43 1.03 -1.22
CA LEU A 124 -14.14 1.59 -0.10
C LEU A 124 -14.22 3.10 -0.21
N LEU A 125 -13.14 3.75 -0.63
CA LEU A 125 -13.22 5.19 -0.79
C LEU A 125 -14.23 5.56 -1.84
N ARG A 126 -14.29 4.81 -2.95
CA ARG A 126 -15.31 5.06 -3.97
C ARG A 126 -16.70 4.91 -3.36
N ASN A 127 -16.87 3.94 -2.47
CA ASN A 127 -18.14 3.68 -1.83
C ASN A 127 -18.55 4.79 -0.91
N THR A 128 -17.61 5.61 -0.42
CA THR A 128 -17.93 6.80 0.36
C THR A 128 -18.15 8.00 -0.53
N ASN A 129 -18.21 7.81 -1.84
CA ASN A 129 -18.32 8.92 -2.78
C ASN A 129 -17.10 9.85 -2.63
N PHE A 130 -15.97 9.27 -2.26
CA PHE A 130 -14.73 10.01 -2.09
C PHE A 130 -14.84 11.10 -1.05
N ARG A 131 -15.64 10.82 -0.01
CA ARG A 131 -15.76 11.73 1.12
C ARG A 131 -15.03 11.23 2.36
N GLY A 132 -14.53 10.00 2.33
CA GLY A 132 -13.74 9.45 3.41
C GLY A 132 -14.57 8.61 4.36
N VAL A 133 -13.86 7.73 5.09
CA VAL A 133 -14.45 6.97 6.18
C VAL A 133 -14.26 7.70 7.48
N SER A 134 -14.96 7.28 8.54
CA SER A 134 -14.89 7.97 9.82
C SER A 134 -13.50 7.87 10.43
N LEU A 135 -13.23 8.76 11.37
CA LEU A 135 -11.98 8.69 12.10
C LEU A 135 -11.87 7.38 12.85
N ASN A 136 -13.00 6.86 13.36
CA ASN A 136 -12.97 5.61 14.10
C ASN A 136 -12.60 4.44 13.21
N LEU A 137 -13.11 4.43 11.96
CA LEU A 137 -12.70 3.36 11.04
C LEU A 137 -11.26 3.56 10.57
N THR A 138 -10.85 4.81 10.34
CA THR A 138 -9.45 5.09 10.02
C THR A 138 -8.52 4.57 11.12
N ARG A 139 -8.89 4.75 12.38
CA ARG A 139 -8.10 4.24 13.52
C ARG A 139 -7.97 2.74 13.47
N LYS A 140 -9.07 2.03 13.15
CA LYS A 140 -9.00 0.58 13.09
C LYS A 140 -8.09 0.13 11.96
N PHE A 141 -8.18 0.79 10.81
CA PHE A 141 -7.27 0.45 9.71
C PHE A 141 -5.83 0.77 10.09
N ALA A 142 -5.60 1.92 10.72
CA ALA A 142 -4.23 2.30 11.08
C ALA A 142 -3.60 1.30 12.04
N GLN A 143 -4.37 0.81 13.02
CA GLN A 143 -3.81 -0.10 14.02
C GLN A 143 -3.43 -1.41 13.36
N GLN A 144 -4.28 -1.90 12.46
CA GLN A 144 -3.99 -3.15 11.75
C GLN A 144 -2.78 -2.97 10.85
N MET A 145 -2.69 -1.87 10.10
CA MET A 145 -1.53 -1.65 9.25
C MET A 145 -0.25 -1.51 10.05
N CYS A 146 -0.28 -0.81 11.17
CA CYS A 146 0.95 -0.70 11.97
C CYS A 146 1.37 -2.06 12.49
N THR A 147 0.42 -2.92 12.84
CA THR A 147 0.73 -4.27 13.30
C THR A 147 1.37 -5.07 12.16
N ALA A 148 0.83 -4.95 10.95
CA ALA A 148 1.44 -5.60 9.78
C ALA A 148 2.86 -5.11 9.57
N LEU A 149 3.10 -3.80 9.66
CA LEU A 149 4.45 -3.29 9.46
C LEU A 149 5.38 -3.75 10.57
N LEU A 150 4.88 -3.89 11.81
CA LEU A 150 5.70 -4.45 12.90
C LEU A 150 6.15 -5.87 12.56
N PHE A 151 5.26 -6.67 12.01
CA PHE A 151 5.63 -8.02 11.61
C PHE A 151 6.65 -8.02 10.47
N LEU A 152 6.43 -7.21 9.43
CA LEU A 152 7.39 -7.13 8.33
C LEU A 152 8.77 -6.70 8.81
N ALA A 153 8.83 -5.94 9.89
CA ALA A 153 10.10 -5.49 10.42
C ALA A 153 10.80 -6.50 11.30
N THR A 154 10.20 -7.65 11.57
CA THR A 154 10.89 -8.65 12.39
C THR A 154 12.15 -9.10 11.63
N PRO A 155 13.29 -9.27 12.31
CA PRO A 155 14.56 -9.41 11.57
C PRO A 155 14.60 -10.52 10.55
N GLU A 156 14.00 -11.67 10.84
CA GLU A 156 14.04 -12.75 9.87
C GLU A 156 13.23 -12.45 8.61
N LEU A 157 12.32 -11.50 8.65
CA LEU A 157 11.61 -11.01 7.46
C LEU A 157 12.34 -9.80 6.89
N SER A 158 12.29 -8.68 7.58
CA SER A 158 12.86 -7.42 7.11
C SER A 158 12.35 -7.05 5.72
N ILE A 159 11.07 -7.25 5.54
CA ILE A 159 10.42 -7.03 4.23
C ILE A 159 9.96 -5.59 4.10
N ILE A 160 10.35 -4.95 2.98
CA ILE A 160 9.81 -3.67 2.56
C ILE A 160 8.77 -3.96 1.50
N HIS A 161 7.52 -3.59 1.76
CA HIS A 161 6.44 -3.87 0.81
C HIS A 161 6.71 -3.16 -0.51
N CYS A 162 7.00 -1.86 -0.45
CA CYS A 162 7.40 -1.01 -1.54
C CYS A 162 6.27 -0.56 -2.44
N ASP A 163 5.03 -0.97 -2.21
CA ASP A 163 3.93 -0.48 -3.05
C ASP A 163 2.65 -0.40 -2.26
N LEU A 164 2.71 0.15 -1.06
CA LEU A 164 1.52 0.32 -0.27
C LEU A 164 0.69 1.46 -0.84
N LYS A 165 -0.60 1.22 -0.97
CA LYS A 165 -1.56 2.15 -1.53
C LYS A 165 -2.92 1.56 -1.23
N PRO A 166 -3.99 2.35 -1.27
CA PRO A 166 -5.31 1.82 -0.88
C PRO A 166 -5.67 0.53 -1.65
N GLU A 167 -5.31 0.45 -2.92
CA GLU A 167 -5.67 -0.73 -3.73
C GLU A 167 -5.03 -2.00 -3.22
N ASN A 168 -3.92 -1.91 -2.47
CA ASN A 168 -3.22 -3.10 -2.01
C ASN A 168 -3.57 -3.46 -0.57
N ILE A 169 -4.66 -2.91 -0.04
CA ILE A 169 -5.18 -3.25 1.27
C ILE A 169 -6.61 -3.68 1.08
N LEU A 170 -6.92 -4.92 1.44
CA LEU A 170 -8.26 -5.46 1.22
C LEU A 170 -9.00 -5.73 2.50
N LEU A 171 -10.30 -5.43 2.50
CA LEU A 171 -11.18 -5.95 3.54
C LEU A 171 -11.25 -7.46 3.50
N CYS A 172 -11.34 -8.09 4.68
CA CYS A 172 -11.63 -9.52 4.73
C CYS A 172 -13.08 -9.80 4.38
N ASN A 173 -14.00 -8.91 4.80
CA ASN A 173 -15.44 -9.15 4.76
C ASN A 173 -16.06 -7.79 4.51
N PRO A 174 -17.05 -7.71 3.63
CA PRO A 174 -17.57 -6.41 3.25
C PRO A 174 -18.22 -5.64 4.41
N LYS A 175 -18.63 -6.31 5.46
CA LYS A 175 -19.33 -5.62 6.56
C LYS A 175 -18.46 -5.38 7.80
N ARG A 176 -17.15 -5.66 7.74
CA ARG A 176 -16.30 -5.62 8.92
C ARG A 176 -15.05 -4.81 8.58
N SER A 177 -14.33 -4.41 9.64
CA SER A 177 -13.18 -3.56 9.46
C SER A 177 -11.87 -4.31 9.33
N ALA A 178 -11.86 -5.64 9.39
CA ALA A 178 -10.62 -6.38 9.29
C ALA A 178 -10.03 -6.27 7.89
N ILE A 179 -8.70 -6.09 7.83
CA ILE A 179 -8.01 -5.92 6.56
C ILE A 179 -6.79 -6.84 6.45
N LYS A 180 -6.34 -7.03 5.19
CA LYS A 180 -5.10 -7.78 4.92
C LYS A 180 -4.33 -6.99 3.86
N ILE A 181 -3.00 -6.94 3.96
CA ILE A 181 -2.16 -6.36 2.93
C ILE A 181 -1.95 -7.43 1.86
N VAL A 182 -1.94 -7.04 0.58
CA VAL A 182 -1.65 -7.91 -0.53
C VAL A 182 -0.54 -7.32 -1.41
N ASP A 183 -0.12 -8.11 -2.37
CA ASP A 183 0.72 -7.73 -3.49
C ASP A 183 2.17 -7.46 -3.07
N PHE A 184 2.96 -8.53 -2.97
CA PHE A 184 4.38 -8.47 -2.62
C PHE A 184 5.28 -8.65 -3.82
N GLY A 185 4.75 -8.46 -5.00
CA GLY A 185 5.53 -8.65 -6.21
C GLY A 185 6.66 -7.66 -6.39
N SER A 186 6.51 -6.44 -5.85
N SER A 186 6.50 -6.44 -5.86
CA SER A 186 7.51 -5.40 -5.94
CA SER A 186 7.51 -5.40 -5.96
C SER A 186 8.34 -5.27 -4.67
C SER A 186 8.31 -5.25 -4.67
N SER A 187 8.18 -6.20 -3.74
CA SER A 187 8.80 -6.10 -2.43
C SER A 187 10.25 -6.56 -2.46
N CYS A 188 10.94 -6.26 -1.35
CA CYS A 188 12.30 -6.73 -1.20
C CYS A 188 12.61 -6.85 0.28
N GLN A 189 13.80 -7.35 0.59
CA GLN A 189 14.25 -7.43 1.97
C GLN A 189 15.41 -6.49 2.18
N LEU A 190 15.50 -6.01 3.42
CA LEU A 190 16.52 -5.04 3.82
C LEU A 190 17.90 -5.50 3.38
N GLY A 191 18.18 -6.79 3.46
CA GLY A 191 19.53 -7.22 3.07
C GLY A 191 19.81 -7.30 1.58
N GLN A 192 18.77 -7.19 0.75
CA GLN A 192 18.87 -7.39 -0.68
C GLN A 192 18.06 -6.29 -1.40
N ARG A 193 18.39 -5.03 -1.10
CA ARG A 193 17.71 -3.90 -1.73
C ARG A 193 18.36 -3.67 -3.09
N ILE A 194 17.56 -3.83 -4.14
CA ILE A 194 18.02 -3.78 -5.52
C ILE A 194 17.43 -2.61 -6.29
N TYR A 195 16.17 -2.28 -6.03
CA TYR A 195 15.43 -1.32 -6.85
C TYR A 195 15.78 0.11 -6.49
N GLN A 196 15.93 0.95 -7.51
CA GLN A 196 16.09 2.39 -7.34
C GLN A 196 14.75 3.10 -7.55
N PTR A 197 13.93 2.57 -8.44
CA PTR A 197 12.69 3.18 -8.85
C PTR A 197 11.57 2.34 -8.18
O PTR A 197 11.37 1.16 -8.57
CB PTR A 197 12.48 3.23 -10.36
CG PTR A 197 13.62 3.94 -11.08
CD1 PTR A 197 14.66 3.23 -11.65
CD2 PTR A 197 13.63 5.32 -11.16
CE1 PTR A 197 15.71 3.89 -12.26
CE2 PTR A 197 14.67 5.97 -11.79
CZ PTR A 197 15.70 5.24 -12.34
OH PTR A 197 16.67 5.84 -12.99
P PTR A 197 17.88 6.62 -12.29
O1P PTR A 197 17.29 7.90 -11.63
O2P PTR A 197 18.93 7.05 -13.35
O3P PTR A 197 18.49 5.70 -11.31
HA PTR A 197 12.68 4.13 -8.59
HB2 PTR A 197 11.66 3.69 -10.55
HB3 PTR A 197 12.43 2.31 -10.69
HD1 PTR A 197 14.64 2.30 -11.62
HD2 PTR A 197 12.94 5.81 -10.79
HE1 PTR A 197 16.42 3.40 -12.61
HE2 PTR A 197 14.68 6.91 -11.84
N ILE A 198 10.91 2.88 -7.18
CA ILE A 198 9.96 2.13 -6.39
C ILE A 198 8.88 3.07 -5.83
N GLN A 199 7.79 2.45 -5.40
CA GLN A 199 6.63 3.06 -4.77
C GLN A 199 5.73 3.76 -5.77
N SER A 200 4.42 3.61 -5.64
N SER A 200 4.43 3.63 -5.56
CA SER A 200 3.53 4.35 -6.51
CA SER A 200 3.44 4.35 -6.33
C SER A 200 3.62 5.82 -6.12
C SER A 200 3.60 5.85 -6.07
N ARG A 201 3.53 6.67 -7.13
CA ARG A 201 3.97 8.05 -7.01
C ARG A 201 3.33 8.84 -5.86
N PHE A 202 2.02 8.73 -5.67
CA PHE A 202 1.39 9.53 -4.61
C PHE A 202 1.88 9.14 -3.22
N TYR A 203 2.40 7.92 -3.08
CA TYR A 203 2.74 7.30 -1.83
C TYR A 203 4.25 7.15 -1.70
N ARG A 204 5.00 7.76 -2.60
CA ARG A 204 6.45 7.63 -2.63
C ARG A 204 7.17 8.53 -1.64
N SER A 205 8.09 7.97 -0.89
CA SER A 205 8.81 8.64 0.17
C SER A 205 9.83 9.64 -0.37
N PRO A 206 10.18 10.64 0.45
N PRO A 206 10.14 10.66 0.43
CA PRO A 206 11.14 11.62 -0.03
CA PRO A 206 11.14 11.63 -0.03
C PRO A 206 12.51 11.02 -0.27
C PRO A 206 12.50 11.03 -0.27
N GLU A 207 12.90 10.00 0.50
CA GLU A 207 14.21 9.42 0.28
C GLU A 207 14.29 8.74 -1.07
N VAL A 208 13.19 8.13 -1.54
CA VAL A 208 13.19 7.54 -2.87
C VAL A 208 13.17 8.62 -3.95
N LEU A 209 12.32 9.65 -3.76
CA LEU A 209 12.32 10.76 -4.72
C LEU A 209 13.71 11.37 -4.86
N LEU A 210 14.46 11.47 -3.75
CA LEU A 210 15.76 12.11 -3.70
C LEU A 210 16.92 11.18 -4.07
N GLY A 211 16.65 9.91 -4.39
CA GLY A 211 17.67 8.96 -4.75
C GLY A 211 18.57 8.53 -3.63
N MET A 212 18.08 8.56 -2.41
CA MET A 212 18.86 8.26 -1.22
C MET A 212 18.63 6.83 -0.79
N PRO A 213 19.53 6.31 0.04
CA PRO A 213 19.29 4.96 0.59
C PRO A 213 17.96 4.90 1.31
N TYR A 214 17.34 3.72 1.27
CA TYR A 214 16.04 3.54 1.89
C TYR A 214 15.98 2.27 2.71
N ASP A 215 14.95 2.17 3.53
CA ASP A 215 14.75 1.02 4.41
C ASP A 215 13.25 0.85 4.66
N LEU A 216 12.89 0.13 5.71
CA LEU A 216 11.46 -0.13 5.95
C LEU A 216 10.66 1.12 6.24
N ALA A 217 11.33 2.22 6.58
CA ALA A 217 10.63 3.45 6.84
C ALA A 217 9.85 3.98 5.64
N ILE A 218 10.20 3.56 4.43
CA ILE A 218 9.43 4.05 3.29
C ILE A 218 7.97 3.62 3.36
N ASP A 219 7.70 2.45 3.96
CA ASP A 219 6.34 1.95 4.07
C ASP A 219 5.54 2.78 5.08
N MET A 220 6.20 3.31 6.12
CA MET A 220 5.54 4.16 7.11
C MET A 220 5.13 5.46 6.47
N TRP A 221 6.02 6.01 5.60
CA TRP A 221 5.63 7.19 4.83
C TRP A 221 4.34 6.91 4.05
N SER A 222 4.33 5.82 3.29
CA SER A 222 3.14 5.52 2.52
C SER A 222 1.91 5.40 3.41
N LEU A 223 2.07 4.73 4.56
CA LEU A 223 0.92 4.58 5.44
C LEU A 223 0.38 5.93 5.87
N GLY A 224 1.26 6.87 6.22
CA GLY A 224 0.78 8.18 6.61
C GLY A 224 -0.07 8.84 5.52
N CYS A 225 0.42 8.74 4.29
CA CYS A 225 -0.36 9.24 3.16
C CYS A 225 -1.69 8.52 3.02
N ILE A 226 -1.70 7.20 3.15
CA ILE A 226 -2.91 6.40 2.97
C ILE A 226 -3.93 6.79 4.02
N LEU A 227 -3.50 6.97 5.28
CA LEU A 227 -4.46 7.24 6.34
C LEU A 227 -5.14 8.58 6.19
N VAL A 228 -4.40 9.60 5.73
CA VAL A 228 -5.05 10.89 5.47
C VAL A 228 -6.09 10.75 4.39
N GLU A 229 -5.72 10.05 3.29
CA GLU A 229 -6.67 9.84 2.19
C GLU A 229 -7.88 9.04 2.63
N MET A 230 -7.70 8.03 3.50
CA MET A 230 -8.88 7.28 3.92
C MET A 230 -9.90 8.13 4.65
N HIS A 231 -9.43 9.11 5.42
CA HIS A 231 -10.37 9.96 6.11
C HIS A 231 -10.88 11.15 5.29
N THR A 232 -10.07 11.69 4.38
CA THR A 232 -10.54 12.85 3.60
C THR A 232 -11.21 12.46 2.30
N GLY A 233 -10.89 11.28 1.78
CA GLY A 233 -11.42 10.79 0.52
C GLY A 233 -10.51 11.01 -0.67
N GLU A 234 -9.44 11.78 -0.53
CA GLU A 234 -8.63 12.21 -1.66
C GLU A 234 -7.16 12.08 -1.31
N PRO A 235 -6.31 11.80 -2.30
CA PRO A 235 -4.89 11.66 -1.99
C PRO A 235 -4.34 12.93 -1.39
N LEU A 236 -3.45 12.74 -0.44
CA LEU A 236 -2.79 13.86 0.22
C LEU A 236 -1.83 14.59 -0.75
N PHE A 237 -1.00 13.84 -1.47
CA PHE A 237 0.01 14.37 -2.38
C PHE A 237 -0.22 13.77 -3.77
N SER A 238 -0.98 14.44 -4.63
CA SER A 238 -1.37 13.84 -5.91
C SER A 238 -0.50 14.38 -7.04
N GLY A 239 0.77 14.07 -7.03
CA GLY A 239 1.65 14.57 -8.07
C GLY A 239 1.39 13.93 -9.42
N ALA A 240 1.56 14.72 -10.50
CA ALA A 240 1.43 14.23 -11.87
C ALA A 240 2.76 13.70 -12.41
N ASN A 241 3.86 13.99 -11.72
CA ASN A 241 5.21 13.55 -12.06
C ASN A 241 6.06 13.77 -10.80
N GLU A 242 7.34 13.38 -10.84
CA GLU A 242 8.15 13.47 -9.62
C GLU A 242 8.34 14.91 -9.14
N VAL A 243 8.53 15.87 -10.05
CA VAL A 243 8.74 17.25 -9.62
C VAL A 243 7.49 17.79 -8.96
N ASP A 244 6.33 17.53 -9.57
CA ASP A 244 5.05 17.92 -8.98
C ASP A 244 4.81 17.21 -7.65
N GLN A 245 5.19 15.94 -7.54
CA GLN A 245 5.04 15.19 -6.30
C GLN A 245 5.83 15.85 -5.18
N MET A 246 7.11 16.14 -5.41
CA MET A 246 7.93 16.76 -4.40
C MET A 246 7.38 18.14 -4.05
N ASN A 247 6.94 18.90 -5.05
CA ASN A 247 6.36 20.21 -4.76
C ASN A 247 5.10 20.10 -3.89
N LYS A 248 4.26 19.12 -4.14
CA LYS A 248 3.07 18.93 -3.31
C LYS A 248 3.43 18.53 -1.89
N ILE A 249 4.45 17.69 -1.71
CA ILE A 249 4.93 17.36 -0.38
C ILE A 249 5.39 18.63 0.34
N VAL A 250 6.21 19.45 -0.34
CA VAL A 250 6.74 20.67 0.28
C VAL A 250 5.66 21.69 0.62
N GLU A 251 4.56 21.74 -0.14
CA GLU A 251 3.48 22.65 0.21
C GLU A 251 2.98 22.36 1.62
N VAL A 252 2.94 21.10 2.02
CA VAL A 252 2.42 20.70 3.33
C VAL A 252 3.53 20.71 4.39
N LEU A 253 4.71 20.21 4.07
CA LEU A 253 5.72 19.87 5.08
C LEU A 253 6.92 20.80 5.08
N GLY A 254 7.02 21.72 4.13
CA GLY A 254 8.14 22.63 4.11
C GLY A 254 9.32 22.06 3.35
N ILE A 255 10.36 22.87 3.25
CA ILE A 255 11.58 22.43 2.59
C ILE A 255 12.22 21.34 3.46
N PRO A 256 12.69 20.23 2.89
CA PRO A 256 13.34 19.21 3.71
C PRO A 256 14.58 19.75 4.41
N PRO A 257 14.99 19.11 5.49
CA PRO A 257 16.20 19.52 6.22
C PRO A 257 17.42 19.58 5.31
N ALA A 258 18.28 20.57 5.57
CA ALA A 258 19.50 20.71 4.78
C ALA A 258 20.41 19.50 4.91
N HIS A 259 20.46 18.88 6.10
CA HIS A 259 21.35 17.74 6.27
C HIS A 259 20.93 16.58 5.38
N ILE A 260 19.66 16.54 4.99
CA ILE A 260 19.20 15.53 4.04
C ILE A 260 19.53 15.97 2.62
N LEU A 261 19.17 17.20 2.27
CA LEU A 261 19.39 17.63 0.90
C LEU A 261 20.87 17.67 0.58
N ASP A 262 21.71 18.00 1.56
CA ASP A 262 23.16 18.01 1.34
C ASP A 262 23.71 16.64 0.93
N GLN A 263 22.99 15.56 1.23
CA GLN A 263 23.45 14.20 0.92
C GLN A 263 22.56 13.51 -0.12
N ALA A 264 21.74 14.27 -0.82
CA ALA A 264 20.76 13.66 -1.71
C ALA A 264 21.26 13.73 -3.14
N PRO A 265 21.45 12.60 -3.83
CA PRO A 265 21.93 12.68 -5.23
C PRO A 265 21.02 13.46 -6.14
N LYS A 266 19.71 13.50 -5.88
CA LYS A 266 18.73 14.15 -6.74
C LYS A 266 18.22 15.47 -6.18
N ALA A 267 18.90 16.05 -5.19
CA ALA A 267 18.41 17.29 -4.61
C ALA A 267 18.14 18.35 -5.68
N ARG A 268 19.05 18.50 -6.63
CA ARG A 268 18.94 19.55 -7.63
C ARG A 268 17.91 19.26 -8.70
N LYS A 269 17.28 18.09 -8.70
CA LYS A 269 16.08 17.91 -9.53
C LYS A 269 14.96 18.85 -9.06
N PHE A 270 14.93 19.17 -7.77
CA PHE A 270 13.82 19.88 -7.15
C PHE A 270 14.19 21.17 -6.47
N PHE A 271 15.44 21.32 -6.01
CA PHE A 271 15.84 22.36 -5.09
C PHE A 271 17.11 23.03 -5.57
N GLU A 272 17.38 24.22 -5.05
CA GLU A 272 18.63 24.91 -5.30
C GLU A 272 19.19 25.38 -3.97
N LYS A 273 20.52 25.34 -3.86
CA LYS A 273 21.20 25.73 -2.63
C LYS A 273 21.56 27.21 -2.75
N LEU A 274 21.19 27.99 -1.74
CA LEU A 274 21.44 29.43 -1.73
C LEU A 274 22.79 29.73 -1.08
N PRO A 275 23.33 30.93 -1.31
CA PRO A 275 24.60 31.29 -0.66
C PRO A 275 24.56 31.20 0.86
N ASP A 276 23.39 31.41 1.47
CA ASP A 276 23.20 31.11 2.89
C ASP A 276 23.69 29.71 3.24
N GLY A 277 23.65 28.77 2.28
CA GLY A 277 23.72 27.36 2.58
C GLY A 277 22.37 26.71 2.77
N THR A 278 21.30 27.51 2.82
CA THR A 278 19.97 26.95 2.91
C THR A 278 19.53 26.53 1.51
N TRP A 279 18.46 25.76 1.44
CA TRP A 279 17.96 25.27 0.18
C TRP A 279 16.58 25.84 -0.07
N ASN A 280 16.24 26.05 -1.34
CA ASN A 280 14.90 26.49 -1.68
C ASN A 280 14.45 25.72 -2.92
N LEU A 281 13.16 25.84 -3.22
CA LEU A 281 12.65 25.17 -4.41
C LEU A 281 13.15 25.86 -5.67
N LYS A 282 13.37 25.07 -6.71
CA LYS A 282 13.54 25.60 -8.05
C LYS A 282 12.18 25.98 -8.61
N LYS A 283 12.15 27.09 -9.33
CA LYS A 283 10.93 27.66 -9.89
C LYS A 283 10.25 26.71 -10.86
C GLU A 290 1.80 27.50 -7.61
N TYR A 291 2.75 26.98 -6.86
CA TYR A 291 2.46 26.20 -5.67
C TYR A 291 2.29 27.14 -4.49
N LYS A 292 1.55 26.67 -3.50
CA LYS A 292 1.46 27.39 -2.24
C LYS A 292 2.85 27.44 -1.62
N PRO A 293 3.21 28.51 -0.94
CA PRO A 293 4.56 28.59 -0.40
C PRO A 293 4.81 27.44 0.57
N PRO A 294 6.08 27.09 0.77
CA PRO A 294 6.41 25.87 1.54
C PRO A 294 5.82 25.84 2.94
N GLY A 295 5.17 24.74 3.27
CA GLY A 295 4.58 24.52 4.55
C GLY A 295 3.33 25.32 4.85
N THR A 296 2.75 26.00 3.87
CA THR A 296 1.55 26.80 4.15
C THR A 296 0.26 26.05 3.85
N ARG A 297 0.33 24.87 3.23
CA ARG A 297 -0.86 24.03 3.04
C ARG A 297 -0.92 23.11 4.26
N LYS A 298 -1.52 23.57 5.34
CA LYS A 298 -1.38 22.92 6.62
C LYS A 298 -2.22 21.65 6.71
N LEU A 299 -1.59 20.56 7.16
CA LEU A 299 -2.33 19.35 7.46
C LEU A 299 -3.44 19.61 8.44
N HIS A 300 -3.24 20.56 9.35
CA HIS A 300 -4.28 20.97 10.30
C HIS A 300 -5.56 21.37 9.57
N ASN A 301 -5.43 22.06 8.42
CA ASN A 301 -6.58 22.48 7.64
C ASN A 301 -7.08 21.42 6.66
N ILE A 302 -6.18 20.60 6.13
CA ILE A 302 -6.59 19.45 5.32
C ILE A 302 -7.51 18.54 6.12
N LEU A 303 -7.16 18.26 7.37
CA LEU A 303 -7.97 17.40 8.20
C LEU A 303 -9.17 18.11 8.79
N GLY A 304 -9.21 19.44 8.77
CA GLY A 304 -10.23 20.22 9.44
C GLY A 304 -10.24 20.04 10.95
N VAL A 305 -9.06 20.06 11.58
CA VAL A 305 -8.95 19.74 13.01
C VAL A 305 -9.95 20.57 13.82
N GLU A 306 -10.03 21.87 13.55
CA GLU A 306 -10.86 22.75 14.37
C GLU A 306 -12.14 23.17 13.66
N THR A 307 -12.34 22.73 12.44
CA THR A 307 -13.44 23.17 11.59
C THR A 307 -14.38 22.05 11.17
N GLY A 308 -14.50 20.98 11.97
CA GLY A 308 -15.46 19.93 11.67
C GLY A 308 -14.99 18.84 10.71
N GLY A 309 -13.69 18.61 10.63
CA GLY A 309 -13.19 17.53 9.82
C GLY A 309 -13.19 17.92 8.35
N PRO A 310 -12.89 16.96 7.50
CA PRO A 310 -12.72 17.26 6.05
C PRO A 310 -14.02 17.80 5.47
N GLY A 311 -13.92 18.95 4.79
CA GLY A 311 -15.07 19.61 4.22
C GLY A 311 -16.06 20.09 5.24
N GLY A 312 -15.69 20.10 6.53
CA GLY A 312 -16.69 20.39 7.53
C GLY A 312 -17.73 19.31 7.71
N ARG A 313 -17.59 18.15 7.05
CA ARG A 313 -18.66 17.17 7.02
C ARG A 313 -18.77 16.36 8.30
N ARG A 314 -17.79 16.44 9.21
CA ARG A 314 -17.85 15.71 10.46
C ARG A 314 -18.30 16.57 11.65
N ALA A 315 -18.66 17.85 11.40
CA ALA A 315 -19.16 18.71 12.46
C ALA A 315 -20.39 18.08 13.11
N GLY A 316 -20.39 18.01 14.43
CA GLY A 316 -21.56 17.49 15.12
C GLY A 316 -21.71 16.00 14.99
N GLU A 317 -20.60 15.30 14.76
CA GLU A 317 -20.57 13.85 14.71
C GLU A 317 -19.78 13.33 15.91
N SER A 318 -20.31 12.30 16.56
CA SER A 318 -19.55 11.63 17.60
C SER A 318 -18.24 11.11 17.02
N GLY A 319 -17.22 11.04 17.89
CA GLY A 319 -15.95 10.46 17.51
C GLY A 319 -15.10 11.31 16.59
N HIS A 320 -15.35 12.61 16.53
CA HIS A 320 -14.61 13.54 15.68
C HIS A 320 -14.38 14.87 16.41
N THR A 321 -13.92 14.82 17.66
CA THR A 321 -13.67 16.04 18.41
C THR A 321 -12.32 16.64 18.04
N VAL A 322 -12.11 17.90 18.43
CA VAL A 322 -10.80 18.52 18.22
C VAL A 322 -9.69 17.68 18.85
N ALA A 323 -9.93 17.18 20.06
CA ALA A 323 -8.94 16.34 20.72
C ALA A 323 -8.60 15.11 19.88
N ASP A 324 -9.61 14.42 19.35
CA ASP A 324 -9.39 13.26 18.49
C ASP A 324 -8.53 13.62 17.29
N TYR A 325 -8.86 14.73 16.60
CA TYR A 325 -8.12 15.18 15.42
C TYR A 325 -6.70 15.56 15.75
N LEU A 326 -6.47 16.19 16.91
CA LEU A 326 -5.11 16.55 17.25
C LEU A 326 -4.24 15.31 17.45
N LYS A 327 -4.82 14.25 18.02
CA LYS A 327 -4.08 13.00 18.17
C LYS A 327 -3.75 12.40 16.81
N PHE A 328 -4.74 12.38 15.91
CA PHE A 328 -4.50 11.85 14.57
C PHE A 328 -3.43 12.66 13.85
N LYS A 329 -3.55 14.00 13.88
CA LYS A 329 -2.56 14.86 13.22
C LYS A 329 -1.15 14.60 13.75
N ASP A 330 -1.05 14.44 15.08
CA ASP A 330 0.29 14.22 15.66
C ASP A 330 0.89 12.94 15.15
N LEU A 331 0.11 11.88 15.08
CA LEU A 331 0.62 10.61 14.58
C LEU A 331 1.02 10.70 13.11
N ILE A 332 0.16 11.28 12.29
CA ILE A 332 0.46 11.43 10.87
C ILE A 332 1.74 12.20 10.66
N LEU A 333 1.92 13.31 11.39
CA LEU A 333 3.14 14.07 11.17
C LEU A 333 4.39 13.31 11.53
N ARG A 334 4.30 12.37 12.46
CA ARG A 334 5.43 11.51 12.81
C ARG A 334 5.69 10.47 11.70
N MET A 335 4.62 9.99 11.05
CA MET A 335 4.78 9.11 9.87
C MET A 335 5.35 9.85 8.67
N LEU A 336 5.14 11.17 8.59
CA LEU A 336 5.60 12.00 7.46
C LEU A 336 6.85 12.78 7.81
N ASP A 337 7.62 12.32 8.77
CA ASP A 337 8.89 12.93 9.09
C ASP A 337 9.78 12.76 7.87
N TYR A 338 10.45 13.84 7.42
CA TYR A 338 11.34 13.74 6.27
C TYR A 338 12.54 12.83 6.57
N ASP A 339 12.96 12.74 7.85
CA ASP A 339 14.14 11.98 8.21
C ASP A 339 13.77 10.52 8.47
N PRO A 340 14.19 9.59 7.63
CA PRO A 340 13.77 8.21 7.86
C PRO A 340 14.35 7.60 9.11
N LYS A 341 15.38 8.20 9.70
CA LYS A 341 15.92 7.67 10.95
C LYS A 341 15.04 8.03 12.16
N THR A 342 14.30 9.15 12.09
CA THR A 342 13.45 9.56 13.20
C THR A 342 11.97 9.38 12.92
N ARG A 343 11.60 9.09 11.66
CA ARG A 343 10.23 8.75 11.36
C ARG A 343 9.76 7.65 12.31
N ILE A 344 8.50 7.78 12.77
CA ILE A 344 8.00 6.85 13.79
C ILE A 344 8.04 5.44 13.25
N GLN A 345 8.41 4.50 14.14
CA GLN A 345 8.50 3.09 13.73
C GLN A 345 7.30 2.32 14.26
N PRO A 346 7.01 1.14 13.71
CA PRO A 346 5.74 0.50 14.05
C PRO A 346 5.52 0.24 15.53
N TYR A 347 6.53 -0.19 16.28
CA TYR A 347 6.36 -0.44 17.70
C TYR A 347 5.81 0.80 18.40
N TYR A 348 6.40 1.95 18.13
CA TYR A 348 5.98 3.18 18.79
C TYR A 348 4.70 3.74 18.19
N ALA A 349 4.46 3.57 16.91
CA ALA A 349 3.17 3.99 16.37
C ALA A 349 2.02 3.32 17.11
N LEU A 350 2.15 2.04 17.42
CA LEU A 350 1.08 1.30 18.08
C LEU A 350 0.84 1.76 19.51
N GLN A 351 1.84 2.43 20.12
CA GLN A 351 1.70 2.97 21.48
C GLN A 351 1.15 4.38 21.55
N HIS A 352 1.05 5.06 20.39
CA HIS A 352 0.63 6.45 20.34
C HIS A 352 -0.76 6.59 20.93
N SER A 353 -1.05 7.75 21.49
CA SER A 353 -2.34 7.90 22.15
C SER A 353 -3.52 7.97 21.18
N PHE A 354 -3.28 8.12 19.87
CA PHE A 354 -4.39 7.93 18.90
C PHE A 354 -5.05 6.57 19.07
N PHE A 355 -4.29 5.56 19.50
CA PHE A 355 -4.83 4.22 19.66
C PHE A 355 -5.35 3.93 21.05
N LYS A 356 -5.09 4.77 22.03
CA LYS A 356 -5.55 4.53 23.39
C LYS A 356 -7.05 4.80 23.45
C11 KRK B . -5.23 -9.04 -5.24
C12 KRK B . -4.44 -8.20 -5.97
C13 KRK B . -3.06 -8.41 -5.91
N KRK B . -9.59 -10.48 -4.05
C KRK B . -11.68 -9.73 -4.72
C1 KRK B . -10.99 -10.76 -3.83
C10 KRK B . -4.62 -10.07 -4.49
C2 KRK B . -9.38 -9.47 -5.09
C3 KRK B . -10.68 -9.35 -5.74
C4 KRK B . -8.57 -11.16 -3.48
C5 KRK B . -7.89 -12.77 -2.05
C6 KRK B . -6.57 -12.52 -2.36
C7 KRK B . -6.33 -11.51 -3.28
C8 KRK B . -5.01 -11.10 -3.65
C9 KRK B . -3.80 -11.71 -3.26
F KRK B . -10.66 -10.32 -6.75
N1 KRK B . -8.91 -12.11 -2.61
N2 KRK B . -2.74 -11.12 -3.78
N3 KRK B . -3.27 -10.14 -4.51
N4 KRK B . -2.43 -9.34 -5.20
N5 KRK B . -7.33 -10.82 -3.85
H10 KRK B . -6.32 -8.95 -5.22
H11 KRK B . -4.85 -7.39 -6.58
H12 KRK B . -2.36 -7.79 -6.48
H1 KRK B . -12.59 -10.15 -5.17
H KRK B . -12.04 -8.89 -4.13
H2 KRK B . -11.23 -11.80 -4.09
H3 KRK B . -11.24 -10.66 -2.77
H5 KRK B . -9.04 -8.53 -4.66
H4 KRK B . -8.60 -9.77 -5.78
H6 KRK B . -10.88 -8.36 -6.16
H7 KRK B . -8.17 -13.54 -1.33
H8 KRK B . -5.77 -13.09 -1.89
H9 KRK B . -3.68 -12.57 -2.61
C1 EDO C . 11.56 -10.13 -11.25
O1 EDO C . 11.55 -10.04 -12.64
C2 EDO C . 11.31 -8.74 -10.65
O2 EDO C . 9.96 -8.50 -10.64
H11 EDO C . 12.44 -10.45 -10.97
H12 EDO C . 10.87 -10.74 -10.96
HO1 EDO C . 11.90 -10.74 -12.97
H21 EDO C . 11.75 -8.06 -11.20
H22 EDO C . 11.66 -8.70 -9.75
HO2 EDO C . 9.81 -7.72 -10.32
C1 EDO D . 11.72 6.40 15.66
O1 EDO D . 11.35 7.69 16.07
C2 EDO D . 11.04 5.38 16.61
O2 EDO D . 9.64 5.53 16.60
H11 EDO D . 12.69 6.30 15.71
H12 EDO D . 11.43 6.25 14.75
HO1 EDO D . 11.75 8.26 15.60
H21 EDO D . 11.37 5.53 17.52
H22 EDO D . 11.27 4.48 16.32
HO2 EDO D . 9.29 4.83 16.94
C1 EDO E . 18.70 20.99 9.56
O1 EDO E . 19.58 20.37 8.65
C2 EDO E . 18.40 22.44 9.16
O2 EDO E . 17.78 22.49 7.90
H11 EDO E . 19.11 21.00 10.44
H12 EDO E . 17.87 20.49 9.58
HO1 EDO E . 19.93 19.69 9.02
H21 EDO E . 19.22 22.94 9.13
H22 EDO E . 17.80 22.83 9.82
HO2 EDO E . 17.67 23.29 7.67
C1 EDO F . 1.83 20.89 8.88
O1 EDO F . 1.28 20.79 7.58
C2 EDO F . 0.84 20.52 10.02
O2 EDO F . -0.32 21.32 10.11
H11 EDO F . 2.59 20.29 8.94
H12 EDO F . 2.12 21.80 9.02
HO1 EDO F . 1.86 21.04 7.02
H21 EDO F . 1.32 20.59 10.86
H22 EDO F . 0.56 19.60 9.88
HO2 EDO F . -0.80 21.05 10.75
S DMS G . 9.65 13.30 -13.83
O DMS G . 11.08 12.83 -13.70
C1 DMS G . 8.53 12.01 -13.24
C2 DMS G . 9.40 14.87 -12.93
H11 DMS G . 8.78 11.75 -12.25
H12 DMS G . 8.61 11.15 -13.86
H13 DMS G . 7.53 12.36 -13.27
H21 DMS G . 9.89 14.82 -11.99
H22 DMS G . 8.37 15.02 -12.78
H23 DMS G . 9.80 15.67 -13.49
C1 EDO H . 19.05 9.96 7.38
O1 EDO H . 18.97 11.11 8.17
C2 EDO H . 18.59 10.27 5.96
O2 EDO H . 19.40 11.27 5.43
H11 EDO H . 18.48 9.26 7.76
H12 EDO H . 19.96 9.64 7.35
HO1 EDO H . 19.26 10.94 8.95
H21 EDO H . 18.64 9.48 5.42
H22 EDO H . 17.66 10.58 5.98
HO2 EDO H . 19.16 11.43 4.63
C1 EDO I . -18.46 -2.10 -3.52
O1 EDO I . -18.38 -0.71 -3.56
C2 EDO I . -19.85 -2.51 -3.02
O2 EDO I . -20.91 -1.83 -3.68
H11 EDO I . -17.79 -2.45 -2.92
H12 EDO I . -18.31 -2.46 -4.41
HO1 EDO I . -17.61 -0.49 -3.85
H21 EDO I . -19.91 -2.32 -2.07
H22 EDO I . -19.97 -3.46 -3.17
HO2 EDO I . -21.66 -2.08 -3.35
S SO4 J . 1.78 -1.02 -14.08
O1 SO4 J . 3.00 -0.52 -14.72
O2 SO4 J . 1.59 -0.25 -12.86
O3 SO4 J . 0.68 -0.88 -14.98
O4 SO4 J . 1.98 -2.40 -13.63
S SO4 K . -2.98 -4.65 -18.05
O1 SO4 K . -1.85 -4.41 -17.16
O2 SO4 K . -4.06 -3.72 -17.73
O3 SO4 K . -3.44 -6.04 -17.92
O4 SO4 K . -2.54 -4.40 -19.43
S SO4 L . 6.81 8.39 -11.85
O1 SO4 L . 8.22 8.55 -12.19
O2 SO4 L . 6.53 9.37 -10.80
O3 SO4 L . 5.97 8.68 -13.02
O4 SO4 L . 6.54 7.00 -11.42
S SO4 M . -15.87 -4.07 13.25
O1 SO4 M . -14.76 -3.19 13.58
O2 SO4 M . -17.01 -3.24 12.88
O3 SO4 M . -15.59 -4.98 12.12
O4 SO4 M . -16.15 -4.94 14.38
#